data_1TWR
#
_entry.id   1TWR
#
_cell.length_a   61.038
_cell.length_b   54.258
_cell.length_c   70.249
_cell.angle_alpha   90.00
_cell.angle_beta   98.12
_cell.angle_gamma   90.00
#
_symmetry.space_group_name_H-M   'P 1 21 1'
#
loop_
_entity.id
_entity.type
_entity.pdbx_description
1 polymer 'Heme oxygenase 1'
2 non-polymer IRON-OCTAETHYLPORPHYRIN
3 non-polymer 'NITRIC OXIDE'
4 water water
#
_entity_poly.entity_id   1
_entity_poly.type   'polypeptide(L)'
_entity_poly.pdbx_seq_one_letter_code
;MERPQPDSMPQDLSEALKEATKEVHTQAENAEFMRNFQKGQVTRDGFKLVMASLYHIYVALEEEIERNKESPVFAPVYFP
EELHRKAALEQDLAFWYGPRWQEVIPYTPAMQRYVKRLHEVGRTEPELLVAHAYTRYLGDLSGGQVLKKIAQKALDLPSS
GEGLAFFTFPNIASATKFKQLYRSRMNSLEMTPAVRQRVIEEAKTAFLLNIQLFEELQELLTHDTKDQSPSRA
;
_entity_poly.pdbx_strand_id   A,B
#
# COMPACT_ATOMS: atom_id res chain seq x y z
N PRO A 10 -13.66 -20.80 28.43
CA PRO A 10 -13.21 -21.21 27.08
C PRO A 10 -11.76 -21.68 27.09
N GLN A 11 -11.52 -22.85 26.50
CA GLN A 11 -10.17 -23.44 26.43
C GLN A 11 -9.30 -22.84 25.33
N ASP A 12 -9.87 -22.56 24.16
CA ASP A 12 -9.09 -21.98 23.07
C ASP A 12 -8.83 -20.50 23.30
N LEU A 13 -7.59 -20.07 23.06
CA LEU A 13 -7.22 -18.68 23.26
C LEU A 13 -8.13 -17.74 22.49
N SER A 14 -8.50 -18.13 21.27
CA SER A 14 -9.35 -17.30 20.43
C SER A 14 -10.77 -17.21 21.01
N GLU A 15 -11.27 -18.30 21.58
CA GLU A 15 -12.60 -18.30 22.18
C GLU A 15 -12.55 -17.54 23.50
N ALA A 16 -11.42 -17.65 24.20
CA ALA A 16 -11.23 -16.97 25.47
C ALA A 16 -11.20 -15.46 25.26
N LEU A 17 -10.54 -15.03 24.18
CA LEU A 17 -10.46 -13.60 23.87
C LEU A 17 -11.84 -13.03 23.59
N LYS A 18 -12.56 -13.66 22.67
CA LYS A 18 -13.89 -13.23 22.27
C LYS A 18 -14.82 -12.98 23.45
N GLU A 19 -14.92 -13.96 24.34
CA GLU A 19 -15.80 -13.86 25.51
C GLU A 19 -15.30 -12.89 26.58
N ALA A 20 -13.99 -12.83 26.76
CA ALA A 20 -13.40 -11.95 27.77
C ALA A 20 -13.50 -10.46 27.39
N THR A 21 -13.55 -10.19 26.09
CA THR A 21 -13.62 -8.82 25.60
C THR A 21 -15.02 -8.41 25.12
N LYS A 22 -16.02 -9.22 25.45
CA LYS A 22 -17.38 -8.91 25.02
C LYS A 22 -17.89 -7.59 25.58
N GLU A 23 -17.58 -7.32 26.85
CA GLU A 23 -18.04 -6.09 27.50
C GLU A 23 -17.41 -4.82 26.96
N VAL A 24 -16.08 -4.79 26.93
CA VAL A 24 -15.38 -3.61 26.43
C VAL A 24 -15.71 -3.37 24.96
N HIS A 25 -15.99 -4.46 24.23
CA HIS A 25 -16.32 -4.34 22.82
C HIS A 25 -17.62 -3.56 22.68
N THR A 26 -18.58 -3.85 23.56
CA THR A 26 -19.87 -3.18 23.53
C THR A 26 -19.66 -1.74 23.96
N GLN A 27 -18.72 -1.57 24.88
CA GLN A 27 -18.39 -0.25 25.41
C GLN A 27 -17.78 0.60 24.28
N ALA A 28 -16.94 -0.02 23.47
CA ALA A 28 -16.32 0.68 22.35
C ALA A 28 -17.40 0.98 21.32
N GLU A 29 -18.36 0.07 21.25
CA GLU A 29 -19.48 0.17 20.34
C GLU A 29 -20.42 1.31 20.79
N ASN A 30 -20.58 1.44 22.11
CA ASN A 30 -21.45 2.46 22.68
C ASN A 30 -20.84 3.86 22.75
N ALA A 31 -19.52 3.97 22.61
CA ALA A 31 -18.87 5.28 22.66
C ALA A 31 -19.60 6.23 21.72
N GLU A 32 -19.73 7.48 22.12
CA GLU A 32 -20.43 8.45 21.30
C GLU A 32 -19.88 8.60 19.89
N PHE A 33 -18.57 8.79 19.76
CA PHE A 33 -17.98 8.95 18.45
C PHE A 33 -18.39 7.77 17.57
N MET A 34 -18.23 6.56 18.09
CA MET A 34 -18.60 5.35 17.35
C MET A 34 -20.11 5.21 17.14
N ARG A 35 -20.89 5.63 18.14
CA ARG A 35 -22.34 5.56 17.99
C ARG A 35 -22.73 6.47 16.84
N ASN A 36 -22.24 7.71 16.87
CA ASN A 36 -22.53 8.67 15.82
C ASN A 36 -22.14 8.07 14.47
N PHE A 37 -20.98 7.42 14.44
CA PHE A 37 -20.50 6.81 13.21
C PHE A 37 -21.55 5.81 12.69
N GLN A 38 -21.84 4.81 13.52
CA GLN A 38 -22.82 3.77 13.19
C GLN A 38 -24.13 4.34 12.67
N LYS A 39 -24.56 5.47 13.24
CA LYS A 39 -25.80 6.11 12.83
C LYS A 39 -25.58 7.05 11.65
N GLY A 40 -24.55 6.76 10.86
CA GLY A 40 -24.25 7.57 9.70
C GLY A 40 -23.89 9.00 10.03
N GLN A 41 -23.80 9.31 11.31
CA GLN A 41 -23.44 10.66 11.73
C GLN A 41 -21.92 10.78 11.79
N VAL A 42 -21.32 11.12 10.66
CA VAL A 42 -19.86 11.27 10.58
C VAL A 42 -19.50 12.35 9.56
N THR A 43 -18.57 13.21 9.95
CA THR A 43 -18.14 14.31 9.10
C THR A 43 -16.73 14.10 8.53
N ARG A 44 -16.34 14.97 7.60
CA ARG A 44 -15.02 14.88 6.99
C ARG A 44 -13.96 15.06 8.07
N ASP A 45 -14.13 16.07 8.91
CA ASP A 45 -13.16 16.33 9.96
C ASP A 45 -13.02 15.19 10.93
N GLY A 46 -14.14 14.54 11.23
CA GLY A 46 -14.10 13.41 12.15
C GLY A 46 -13.42 12.22 11.50
N PHE A 47 -13.71 11.99 10.23
CA PHE A 47 -13.14 10.87 9.51
C PHE A 47 -11.64 11.03 9.34
N LYS A 48 -11.19 12.26 9.07
CA LYS A 48 -9.77 12.53 8.91
C LYS A 48 -9.02 12.10 10.19
N LEU A 49 -9.57 12.52 11.34
CA LEU A 49 -8.99 12.18 12.64
C LEU A 49 -8.91 10.69 12.88
N VAL A 50 -9.91 9.96 12.42
CA VAL A 50 -9.92 8.51 12.59
C VAL A 50 -8.82 7.86 11.77
N MET A 51 -8.66 8.33 10.53
CA MET A 51 -7.65 7.81 9.62
C MET A 51 -6.23 8.16 10.12
N ALA A 52 -6.06 9.37 10.61
CA ALA A 52 -4.79 9.80 11.15
C ALA A 52 -4.44 8.89 12.32
N SER A 53 -5.42 8.62 13.18
CA SER A 53 -5.21 7.72 14.32
C SER A 53 -4.71 6.35 13.86
N LEU A 54 -5.40 5.79 12.88
CA LEU A 54 -5.05 4.47 12.33
C LEU A 54 -3.62 4.40 11.83
N TYR A 55 -3.19 5.44 11.10
CA TYR A 55 -1.85 5.48 10.57
C TYR A 55 -0.81 5.36 11.70
N HIS A 56 -0.97 6.17 12.74
CA HIS A 56 -0.06 6.14 13.87
C HIS A 56 -0.09 4.80 14.58
N ILE A 57 -1.29 4.26 14.81
CA ILE A 57 -1.42 2.98 15.50
C ILE A 57 -0.82 1.83 14.70
N TYR A 58 -1.09 1.78 13.40
CA TYR A 58 -0.57 0.70 12.57
C TYR A 58 0.93 0.82 12.31
N VAL A 59 1.46 2.03 12.30
CA VAL A 59 2.89 2.19 12.10
C VAL A 59 3.60 1.55 13.30
N ALA A 60 3.12 1.88 14.49
CA ALA A 60 3.69 1.37 15.73
C ALA A 60 3.51 -0.15 15.85
N LEU A 61 2.30 -0.62 15.59
CA LEU A 61 2.02 -2.06 15.66
C LEU A 61 2.82 -2.88 14.66
N GLU A 62 2.86 -2.43 13.40
CA GLU A 62 3.59 -3.18 12.38
C GLU A 62 5.10 -3.07 12.56
N GLU A 63 5.53 -2.03 13.26
CA GLU A 63 6.93 -1.86 13.52
C GLU A 63 7.34 -2.94 14.55
N GLU A 64 6.48 -3.17 15.55
CA GLU A 64 6.74 -4.17 16.57
C GLU A 64 6.54 -5.58 16.08
N ILE A 65 5.62 -5.77 15.15
CA ILE A 65 5.39 -7.12 14.62
C ILE A 65 6.66 -7.53 13.86
N GLU A 66 7.26 -6.60 13.11
CA GLU A 66 8.47 -6.90 12.35
C GLU A 66 9.62 -7.25 13.30
N ARG A 67 9.66 -6.57 14.45
CA ARG A 67 10.71 -6.82 15.43
C ARG A 67 10.56 -8.22 16.02
N ASN A 68 9.33 -8.72 16.14
CA ASN A 68 9.09 -10.03 16.73
C ASN A 68 8.58 -11.12 15.81
N LYS A 69 8.61 -10.89 14.50
CA LYS A 69 8.10 -11.87 13.55
C LYS A 69 8.72 -13.26 13.62
N GLU A 70 9.95 -13.35 14.12
CA GLU A 70 10.61 -14.66 14.22
C GLU A 70 10.42 -15.30 15.58
N SER A 71 10.06 -14.49 16.59
CA SER A 71 9.86 -15.04 17.92
C SER A 71 8.73 -16.06 17.92
N PRO A 72 8.92 -17.16 18.67
CA PRO A 72 7.87 -18.19 18.72
C PRO A 72 6.62 -17.71 19.46
N VAL A 73 6.69 -16.53 20.06
CA VAL A 73 5.53 -15.97 20.78
C VAL A 73 4.60 -15.21 19.84
N PHE A 74 5.06 -14.95 18.63
CA PHE A 74 4.25 -14.22 17.67
C PHE A 74 4.26 -14.84 16.28
N ALA A 75 5.41 -15.39 15.88
CA ALA A 75 5.57 -16.01 14.55
C ALA A 75 4.37 -16.74 13.97
N PRO A 76 3.63 -17.51 14.79
CA PRO A 76 2.46 -18.24 14.30
C PRO A 76 1.35 -17.38 13.66
N VAL A 77 1.20 -16.14 14.14
CA VAL A 77 0.16 -15.28 13.59
C VAL A 77 0.75 -14.16 12.72
N TYR A 78 1.94 -14.40 12.20
CA TYR A 78 2.60 -13.41 11.35
C TYR A 78 2.13 -13.52 9.91
N PHE A 79 1.31 -12.56 9.48
CA PHE A 79 0.78 -12.52 8.12
C PHE A 79 0.97 -11.11 7.54
N PRO A 80 2.22 -10.74 7.25
CA PRO A 80 2.52 -9.41 6.70
C PRO A 80 1.82 -9.04 5.40
N GLU A 81 1.77 -9.96 4.44
CA GLU A 81 1.17 -9.66 3.15
C GLU A 81 -0.35 -9.51 3.17
N GLU A 82 -1.02 -10.37 3.93
CA GLU A 82 -2.47 -10.34 4.03
C GLU A 82 -3.02 -9.23 4.92
N LEU A 83 -2.25 -8.82 5.91
CA LEU A 83 -2.74 -7.83 6.86
C LEU A 83 -2.14 -6.44 6.94
N HIS A 84 -0.91 -6.24 6.49
CA HIS A 84 -0.30 -4.90 6.64
C HIS A 84 -1.20 -3.77 6.15
N ARG A 85 -1.34 -2.74 6.99
CA ARG A 85 -2.19 -1.60 6.69
C ARG A 85 -1.47 -0.27 6.52
N LYS A 86 -0.22 -0.19 6.98
CA LYS A 86 0.54 1.04 6.89
C LYS A 86 0.54 1.69 5.51
N ALA A 87 0.86 0.93 4.47
CA ALA A 87 0.90 1.47 3.11
C ALA A 87 -0.48 1.98 2.67
N ALA A 88 -1.54 1.25 3.01
CA ALA A 88 -2.88 1.65 2.62
C ALA A 88 -3.23 3.00 3.25
N LEU A 89 -2.84 3.18 4.51
CA LEU A 89 -3.11 4.42 5.23
C LEU A 89 -2.30 5.59 4.66
N GLU A 90 -1.06 5.32 4.25
CA GLU A 90 -0.22 6.35 3.65
C GLU A 90 -0.94 6.89 2.42
N GLN A 91 -1.40 5.99 1.57
CA GLN A 91 -2.15 6.35 0.37
C GLN A 91 -3.38 7.19 0.75
N ASP A 92 -4.14 6.71 1.72
CA ASP A 92 -5.36 7.38 2.17
C ASP A 92 -5.13 8.79 2.74
N LEU A 93 -4.10 8.94 3.56
CA LEU A 93 -3.84 10.23 4.16
C LEU A 93 -3.33 11.23 3.13
N ALA A 94 -2.78 10.73 2.02
CA ALA A 94 -2.30 11.65 1.00
C ALA A 94 -3.56 12.24 0.36
N PHE A 95 -4.66 11.50 0.40
CA PHE A 95 -5.90 12.00 -0.17
C PHE A 95 -6.59 12.97 0.77
N TRP A 96 -6.74 12.56 2.03
CA TRP A 96 -7.41 13.36 3.03
C TRP A 96 -6.74 14.65 3.49
N TYR A 97 -5.42 14.58 3.65
CA TYR A 97 -4.64 15.72 4.12
C TYR A 97 -3.74 16.33 3.06
N GLY A 98 -3.74 15.76 1.85
CA GLY A 98 -2.89 16.29 0.80
C GLY A 98 -1.47 15.74 0.77
N PRO A 99 -0.67 16.17 -0.22
CA PRO A 99 0.72 15.73 -0.40
C PRO A 99 1.65 15.96 0.78
N ARG A 100 1.35 16.96 1.60
CA ARG A 100 2.18 17.27 2.76
C ARG A 100 1.56 16.74 4.04
N TRP A 101 0.76 15.69 3.91
CA TRP A 101 0.08 15.10 5.06
C TRP A 101 1.00 14.79 6.23
N GLN A 102 2.21 14.27 5.98
CA GLN A 102 3.13 13.94 7.07
C GLN A 102 3.44 15.17 7.92
N GLU A 103 3.30 16.35 7.31
CA GLU A 103 3.55 17.62 8.00
C GLU A 103 2.36 18.13 8.78
N VAL A 104 1.14 17.85 8.31
CA VAL A 104 -0.03 18.35 8.99
C VAL A 104 -0.87 17.38 9.79
N ILE A 105 -0.82 16.08 9.51
CA ILE A 105 -1.66 15.16 10.28
C ILE A 105 -1.46 15.31 11.76
N PRO A 106 -2.56 15.37 12.52
CA PRO A 106 -2.49 15.50 13.97
C PRO A 106 -1.96 14.22 14.61
N TYR A 107 -1.39 14.38 15.81
CA TYR A 107 -0.84 13.28 16.60
C TYR A 107 -1.15 13.68 18.04
N THR A 108 -2.34 13.31 18.48
CA THR A 108 -2.85 13.62 19.81
C THR A 108 -2.35 12.75 20.95
N PRO A 109 -2.45 13.25 22.19
CA PRO A 109 -2.02 12.52 23.39
C PRO A 109 -2.67 11.14 23.50
N ALA A 110 -3.94 11.04 23.12
CA ALA A 110 -4.66 9.76 23.15
C ALA A 110 -4.05 8.80 22.11
N MET A 111 -3.64 9.34 20.95
CA MET A 111 -3.02 8.52 19.92
C MET A 111 -1.66 8.05 20.46
N GLN A 112 -0.93 8.96 21.09
CA GLN A 112 0.39 8.64 21.64
C GLN A 112 0.36 7.59 22.75
N ARG A 113 -0.69 7.61 23.56
CA ARG A 113 -0.83 6.65 24.66
C ARG A 113 -0.98 5.26 24.08
N TYR A 114 -1.72 5.18 22.97
CA TYR A 114 -1.95 3.93 22.29
C TYR A 114 -0.62 3.43 21.69
N VAL A 115 0.06 4.35 21.00
CA VAL A 115 1.34 4.04 20.37
C VAL A 115 2.39 3.62 21.39
N LYS A 116 2.41 4.35 22.51
CA LYS A 116 3.38 4.08 23.57
C LYS A 116 3.24 2.66 24.11
N ARG A 117 1.99 2.23 24.34
CA ARG A 117 1.75 0.90 24.86
C ARG A 117 2.20 -0.18 23.88
N LEU A 118 1.95 0.05 22.58
CA LEU A 118 2.33 -0.88 21.54
C LEU A 118 3.84 -1.14 21.56
N HIS A 119 4.62 -0.07 21.63
CA HIS A 119 6.06 -0.22 21.66
C HIS A 119 6.54 -0.92 22.92
N GLU A 120 5.88 -0.63 24.05
CA GLU A 120 6.25 -1.26 25.31
C GLU A 120 6.04 -2.76 25.23
N VAL A 121 4.87 -3.16 24.72
CA VAL A 121 4.55 -4.56 24.56
C VAL A 121 5.54 -5.21 23.60
N GLY A 122 5.68 -4.59 22.42
CA GLY A 122 6.58 -5.13 21.42
C GLY A 122 8.04 -5.22 21.85
N ARG A 123 8.46 -4.33 22.74
CA ARG A 123 9.84 -4.29 23.21
C ARG A 123 10.16 -4.98 24.54
N THR A 124 9.17 -5.11 25.40
CA THR A 124 9.40 -5.73 26.70
C THR A 124 8.44 -6.86 27.03
N GLU A 125 7.35 -6.97 26.28
CA GLU A 125 6.39 -8.04 26.52
C GLU A 125 5.86 -8.51 25.18
N PRO A 126 6.74 -9.05 24.31
CA PRO A 126 6.38 -9.54 22.98
C PRO A 126 5.23 -10.54 23.02
N GLU A 127 5.24 -11.38 24.05
CA GLU A 127 4.20 -12.39 24.22
C GLU A 127 2.80 -11.80 24.19
N LEU A 128 2.71 -10.50 24.45
CA LEU A 128 1.40 -9.84 24.47
C LEU A 128 1.06 -9.17 23.14
N LEU A 129 2.04 -9.06 22.24
CA LEU A 129 1.80 -8.41 20.96
C LEU A 129 0.60 -9.02 20.24
N VAL A 130 0.45 -10.33 20.34
CA VAL A 130 -0.67 -11.01 19.69
C VAL A 130 -2.02 -10.42 20.10
N ALA A 131 -2.11 -9.93 21.33
CA ALA A 131 -3.36 -9.34 21.82
C ALA A 131 -3.75 -8.09 21.05
N HIS A 132 -2.77 -7.29 20.67
CA HIS A 132 -3.03 -6.07 19.92
C HIS A 132 -3.24 -6.33 18.45
N ALA A 133 -2.49 -7.29 17.90
CA ALA A 133 -2.61 -7.64 16.49
C ALA A 133 -3.98 -8.23 16.28
N TYR A 134 -4.48 -8.94 17.29
CA TYR A 134 -5.80 -9.56 17.25
C TYR A 134 -6.89 -8.51 17.26
N THR A 135 -6.86 -7.65 18.27
CA THR A 135 -7.85 -6.59 18.41
C THR A 135 -7.92 -5.73 17.15
N ARG A 136 -6.76 -5.25 16.69
CA ARG A 136 -6.70 -4.41 15.50
C ARG A 136 -7.09 -5.12 14.21
N TYR A 137 -6.26 -6.06 13.79
CA TYR A 137 -6.50 -6.76 12.55
C TYR A 137 -7.85 -7.45 12.38
N LEU A 138 -8.24 -8.32 13.30
CA LEU A 138 -9.52 -9.01 13.15
C LEU A 138 -10.72 -8.08 13.32
N GLY A 139 -10.53 -7.01 14.09
CA GLY A 139 -11.61 -6.04 14.28
C GLY A 139 -11.83 -5.24 13.01
N ASP A 140 -10.74 -4.67 12.49
CA ASP A 140 -10.80 -3.88 11.27
C ASP A 140 -11.23 -4.74 10.10
N LEU A 141 -10.99 -6.04 10.23
CA LEU A 141 -11.35 -6.98 9.19
C LEU A 141 -12.84 -7.27 9.26
N SER A 142 -13.35 -7.61 10.44
CA SER A 142 -14.77 -7.89 10.60
C SER A 142 -15.63 -6.70 10.21
N GLY A 143 -15.66 -5.69 11.07
CA GLY A 143 -16.46 -4.52 10.78
C GLY A 143 -15.88 -3.58 9.73
N GLY A 144 -15.03 -4.11 8.86
CA GLY A 144 -14.44 -3.27 7.84
C GLY A 144 -15.49 -2.68 6.92
N GLN A 145 -16.18 -3.55 6.19
CA GLN A 145 -17.21 -3.13 5.24
C GLN A 145 -18.31 -2.24 5.81
N VAL A 146 -18.95 -2.68 6.90
CA VAL A 146 -20.03 -1.91 7.50
C VAL A 146 -19.65 -0.44 7.70
N LEU A 147 -18.45 -0.21 8.22
CA LEU A 147 -17.97 1.14 8.44
C LEU A 147 -17.61 1.84 7.13
N LYS A 148 -17.17 1.07 6.15
CA LYS A 148 -16.80 1.67 4.88
C LYS A 148 -18.06 2.19 4.17
N LYS A 149 -19.04 1.30 4.03
CA LYS A 149 -20.28 1.66 3.37
C LYS A 149 -20.87 2.90 4.03
N ILE A 150 -20.93 2.90 5.35
CA ILE A 150 -21.46 4.04 6.07
C ILE A 150 -20.70 5.32 5.70
N ALA A 151 -19.38 5.25 5.78
CA ALA A 151 -18.51 6.39 5.49
C ALA A 151 -18.67 6.98 4.10
N GLN A 152 -18.60 6.14 3.07
CA GLN A 152 -18.70 6.63 1.70
C GLN A 152 -20.03 7.27 1.34
N LYS A 153 -21.10 6.82 1.98
CA LYS A 153 -22.43 7.35 1.70
C LYS A 153 -22.69 8.57 2.58
N ALA A 154 -21.91 8.71 3.64
CA ALA A 154 -22.05 9.83 4.57
C ALA A 154 -21.05 10.94 4.25
N LEU A 155 -19.91 10.56 3.68
CA LEU A 155 -18.85 11.51 3.35
C LEU A 155 -19.00 12.09 1.95
N ASP A 156 -19.96 11.55 1.20
CA ASP A 156 -20.24 12.02 -0.16
C ASP A 156 -18.94 12.35 -0.88
N LEU A 157 -18.11 11.33 -1.09
CA LEU A 157 -16.83 11.50 -1.76
C LEU A 157 -16.98 11.64 -3.26
N PRO A 158 -16.00 12.29 -3.91
CA PRO A 158 -16.08 12.43 -5.36
C PRO A 158 -15.91 11.05 -6.00
N SER A 159 -14.93 10.94 -6.88
CA SER A 159 -14.67 9.68 -7.56
C SER A 159 -13.22 9.75 -8.02
N SER A 160 -12.34 9.98 -7.07
CA SER A 160 -10.91 10.09 -7.36
C SER A 160 -10.23 8.75 -7.15
N GLY A 161 -11.03 7.75 -6.81
CA GLY A 161 -10.50 6.42 -6.62
C GLY A 161 -9.51 6.26 -5.49
N GLU A 162 -9.66 7.05 -4.44
CA GLU A 162 -8.79 6.93 -3.29
C GLU A 162 -9.40 7.50 -2.02
N GLY A 163 -8.75 7.22 -0.90
CA GLY A 163 -9.23 7.70 0.37
C GLY A 163 -9.77 6.59 1.25
N LEU A 164 -10.05 5.42 0.70
CA LEU A 164 -10.58 4.34 1.51
C LEU A 164 -9.86 2.99 1.37
N ALA A 165 -8.64 3.01 0.82
CA ALA A 165 -7.88 1.79 0.64
C ALA A 165 -7.77 0.98 1.96
N PHE A 166 -7.72 1.68 3.09
CA PHE A 166 -7.60 1.01 4.38
C PHE A 166 -8.66 -0.08 4.62
N PHE A 167 -9.84 0.14 4.07
CA PHE A 167 -10.97 -0.77 4.25
C PHE A 167 -10.98 -2.00 3.35
N THR A 168 -10.02 -2.08 2.44
CA THR A 168 -9.90 -3.21 1.53
C THR A 168 -8.55 -3.91 1.75
N PHE A 169 -8.60 -5.19 2.13
CA PHE A 169 -7.41 -6.02 2.34
C PHE A 169 -7.31 -6.79 1.03
N PRO A 170 -6.50 -6.28 0.09
CA PRO A 170 -6.32 -6.91 -1.23
C PRO A 170 -5.75 -8.33 -1.27
N ASN A 171 -4.88 -8.68 -0.33
CA ASN A 171 -4.26 -9.99 -0.33
C ASN A 171 -5.05 -11.04 0.48
N ILE A 172 -6.30 -10.73 0.80
CA ILE A 172 -7.18 -11.66 1.50
C ILE A 172 -8.38 -11.91 0.61
N ALA A 173 -8.51 -13.13 0.08
CA ALA A 173 -9.62 -13.48 -0.80
C ALA A 173 -10.93 -13.64 -0.04
N SER A 174 -10.89 -14.41 1.04
CA SER A 174 -12.07 -14.63 1.86
C SER A 174 -11.83 -14.17 3.30
N ALA A 175 -12.56 -13.17 3.75
CA ALA A 175 -12.38 -12.69 5.12
C ALA A 175 -12.70 -13.80 6.11
N THR A 176 -13.88 -14.38 5.97
CA THR A 176 -14.30 -15.47 6.86
C THR A 176 -13.24 -16.58 6.96
N LYS A 177 -12.76 -17.05 5.81
CA LYS A 177 -11.76 -18.12 5.79
C LYS A 177 -10.41 -17.70 6.39
N PHE A 178 -9.98 -16.46 6.16
CA PHE A 178 -8.71 -16.02 6.74
C PHE A 178 -8.92 -15.84 8.23
N LYS A 179 -10.13 -15.42 8.58
CA LYS A 179 -10.49 -15.21 9.98
C LYS A 179 -10.30 -16.52 10.74
N GLN A 180 -10.70 -17.63 10.12
CA GLN A 180 -10.59 -18.94 10.74
C GLN A 180 -9.14 -19.42 10.83
N LEU A 181 -8.36 -19.12 9.80
CA LEU A 181 -6.95 -19.51 9.78
C LEU A 181 -6.25 -18.81 10.93
N TYR A 182 -6.48 -17.50 11.07
CA TYR A 182 -5.86 -16.71 12.11
C TYR A 182 -6.23 -17.23 13.49
N ARG A 183 -7.50 -17.60 13.66
CA ARG A 183 -7.96 -18.14 14.94
C ARG A 183 -7.17 -19.41 15.24
N SER A 184 -7.06 -20.28 14.23
CA SER A 184 -6.32 -21.52 14.37
C SER A 184 -4.90 -21.21 14.84
N ARG A 185 -4.21 -20.35 14.09
CA ARG A 185 -2.84 -19.97 14.43
C ARG A 185 -2.71 -19.42 15.85
N MET A 186 -3.72 -18.71 16.33
CA MET A 186 -3.68 -18.16 17.68
C MET A 186 -3.69 -19.29 18.69
N ASN A 187 -4.56 -20.27 18.43
CA ASN A 187 -4.70 -21.42 19.31
C ASN A 187 -3.45 -22.30 19.32
N SER A 188 -2.61 -22.13 18.29
CA SER A 188 -1.39 -22.93 18.19
C SER A 188 -0.34 -22.35 19.14
N LEU A 189 -0.57 -21.11 19.59
CA LEU A 189 0.37 -20.46 20.49
C LEU A 189 0.44 -21.20 21.83
N GLU A 190 1.66 -21.54 22.21
CA GLU A 190 1.93 -22.28 23.46
C GLU A 190 2.35 -21.26 24.52
N MET A 191 1.63 -21.25 25.66
CA MET A 191 1.96 -20.29 26.72
C MET A 191 1.45 -20.68 28.10
N THR A 192 2.14 -20.21 29.14
CA THR A 192 1.77 -20.50 30.51
C THR A 192 0.41 -19.87 30.79
N PRO A 193 -0.45 -20.56 31.55
CA PRO A 193 -1.77 -20.00 31.86
C PRO A 193 -1.65 -18.56 32.33
N ALA A 194 -0.54 -18.24 32.96
CA ALA A 194 -0.29 -16.89 33.46
C ALA A 194 -0.17 -15.95 32.27
N VAL A 195 0.68 -16.30 31.31
CA VAL A 195 0.86 -15.48 30.10
C VAL A 195 -0.48 -15.45 29.37
N ARG A 196 -1.11 -16.62 29.31
CA ARG A 196 -2.40 -16.75 28.66
C ARG A 196 -3.39 -15.77 29.26
N GLN A 197 -3.18 -15.43 30.53
CA GLN A 197 -4.07 -14.49 31.22
C GLN A 197 -3.64 -13.06 30.99
N ARG A 198 -2.34 -12.81 30.88
CA ARG A 198 -1.85 -11.46 30.64
C ARG A 198 -2.25 -11.03 29.23
N VAL A 199 -2.33 -12.00 28.32
CA VAL A 199 -2.70 -11.71 26.94
C VAL A 199 -4.18 -11.31 26.88
N ILE A 200 -5.01 -12.02 27.64
CA ILE A 200 -6.45 -11.73 27.69
C ILE A 200 -6.62 -10.32 28.23
N GLU A 201 -5.84 -10.00 29.26
CA GLU A 201 -5.88 -8.69 29.88
C GLU A 201 -5.46 -7.63 28.88
N GLU A 202 -4.35 -7.88 28.20
CA GLU A 202 -3.82 -6.94 27.22
C GLU A 202 -4.84 -6.66 26.11
N ALA A 203 -5.70 -7.63 25.81
CA ALA A 203 -6.71 -7.43 24.78
C ALA A 203 -7.74 -6.41 25.26
N LYS A 204 -8.08 -6.46 26.56
CA LYS A 204 -9.04 -5.52 27.12
C LYS A 204 -8.44 -4.12 27.16
N THR A 205 -7.14 -4.05 27.41
CA THR A 205 -6.40 -2.79 27.45
C THR A 205 -6.45 -2.17 26.05
N ALA A 206 -6.45 -3.02 25.03
CA ALA A 206 -6.48 -2.57 23.64
C ALA A 206 -7.78 -1.82 23.37
N PHE A 207 -8.89 -2.39 23.82
CA PHE A 207 -10.18 -1.75 23.62
C PHE A 207 -10.22 -0.44 24.42
N LEU A 208 -9.70 -0.47 25.64
CA LEU A 208 -9.70 0.71 26.49
C LEU A 208 -8.92 1.86 25.86
N LEU A 209 -7.86 1.51 25.14
CA LEU A 209 -7.04 2.51 24.46
C LEU A 209 -7.81 3.07 23.28
N ASN A 210 -8.67 2.26 22.68
CA ASN A 210 -9.47 2.70 21.55
C ASN A 210 -10.60 3.58 22.08
N ILE A 211 -11.19 3.13 23.18
CA ILE A 211 -12.29 3.86 23.79
C ILE A 211 -11.87 5.26 24.23
N GLN A 212 -10.69 5.40 24.80
CA GLN A 212 -10.24 6.72 25.23
C GLN A 212 -9.88 7.58 24.02
N LEU A 213 -9.53 6.94 22.91
CA LEU A 213 -9.19 7.65 21.68
C LEU A 213 -10.48 8.23 21.12
N PHE A 214 -11.52 7.41 21.10
CA PHE A 214 -12.82 7.86 20.59
C PHE A 214 -13.31 9.04 21.42
N GLU A 215 -13.16 8.92 22.74
CA GLU A 215 -13.58 9.99 23.64
C GLU A 215 -12.83 11.27 23.29
N GLU A 216 -11.51 11.16 23.13
CA GLU A 216 -10.72 12.34 22.80
C GLU A 216 -11.07 12.98 21.46
N LEU A 217 -11.24 12.17 20.41
CA LEU A 217 -11.57 12.71 19.10
C LEU A 217 -12.92 13.42 19.10
N GLN A 218 -13.87 12.87 19.85
CA GLN A 218 -15.20 13.46 19.95
C GLN A 218 -15.08 14.84 20.62
N GLU A 219 -14.22 14.92 21.63
CA GLU A 219 -13.97 16.15 22.35
C GLU A 219 -13.32 17.20 21.44
N LEU A 220 -12.33 16.79 20.65
CA LEU A 220 -11.64 17.71 19.76
C LEU A 220 -12.56 18.28 18.69
N LEU A 221 -13.61 17.55 18.36
CA LEU A 221 -14.54 17.98 17.33
C LEU A 221 -15.75 18.80 17.80
N THR A 222 -15.89 19.02 19.09
CA THR A 222 -17.04 19.79 19.57
C THR A 222 -16.68 21.13 20.22
N HIS A 223 -16.01 22.00 19.46
CA HIS A 223 -15.62 23.31 19.98
C HIS A 223 -16.24 24.47 19.19
N PRO B 10 25.57 13.35 -22.19
CA PRO B 10 26.31 14.26 -21.29
C PRO B 10 27.18 13.45 -20.34
N GLN B 11 27.84 14.13 -19.42
CA GLN B 11 28.70 13.45 -18.45
C GLN B 11 27.89 12.77 -17.33
N ASP B 12 26.72 13.33 -17.01
CA ASP B 12 25.87 12.79 -15.97
C ASP B 12 24.93 11.70 -16.46
N LEU B 13 24.97 10.56 -15.78
CA LEU B 13 24.13 9.41 -16.12
C LEU B 13 22.69 9.82 -16.37
N SER B 14 22.11 10.58 -15.46
CA SER B 14 20.73 11.03 -15.58
C SER B 14 20.51 11.83 -16.86
N GLU B 15 21.48 12.67 -17.21
CA GLU B 15 21.36 13.48 -18.43
C GLU B 15 21.53 12.60 -19.68
N ALA B 16 22.32 11.54 -19.55
CA ALA B 16 22.56 10.63 -20.66
C ALA B 16 21.30 9.81 -20.96
N LEU B 17 20.66 9.29 -19.92
CA LEU B 17 19.44 8.50 -20.07
C LEU B 17 18.30 9.31 -20.68
N LYS B 18 18.10 10.51 -20.18
CA LYS B 18 17.04 11.39 -20.67
C LYS B 18 17.23 11.76 -22.12
N GLU B 19 18.49 11.86 -22.55
CA GLU B 19 18.77 12.23 -23.92
C GLU B 19 18.76 11.01 -24.84
N ALA B 20 19.28 9.90 -24.34
CA ALA B 20 19.35 8.66 -25.12
C ALA B 20 17.99 8.02 -25.39
N THR B 21 17.03 8.23 -24.50
CA THR B 21 15.70 7.63 -24.66
C THR B 21 14.64 8.62 -25.16
N LYS B 22 15.08 9.73 -25.71
CA LYS B 22 14.19 10.78 -26.21
C LYS B 22 13.26 10.32 -27.34
N GLU B 23 13.81 9.55 -28.28
CA GLU B 23 13.02 9.05 -29.40
C GLU B 23 12.07 7.92 -29.00
N VAL B 24 12.59 6.89 -28.33
CA VAL B 24 11.76 5.77 -27.88
C VAL B 24 10.66 6.29 -26.98
N HIS B 25 10.92 7.41 -26.32
CA HIS B 25 9.93 8.01 -25.44
C HIS B 25 8.84 8.61 -26.31
N THR B 26 9.26 9.33 -27.35
CA THR B 26 8.33 9.95 -28.27
C THR B 26 7.44 8.89 -28.90
N GLN B 27 8.05 7.82 -29.37
CA GLN B 27 7.30 6.73 -29.98
C GLN B 27 6.37 6.11 -28.96
N ALA B 28 6.80 6.06 -27.70
CA ALA B 28 5.99 5.50 -26.63
C ALA B 28 4.73 6.34 -26.42
N GLU B 29 4.87 7.66 -26.53
CA GLU B 29 3.76 8.58 -26.37
C GLU B 29 2.85 8.55 -27.60
N ASN B 30 3.31 7.91 -28.67
CA ASN B 30 2.53 7.82 -29.89
C ASN B 30 1.87 6.46 -30.14
N ALA B 31 2.24 5.45 -29.37
CA ALA B 31 1.62 4.13 -29.52
C ALA B 31 0.14 4.42 -29.46
N GLU B 32 -0.63 3.86 -30.38
CA GLU B 32 -2.06 4.13 -30.41
C GLU B 32 -2.75 4.07 -29.04
N PHE B 33 -2.57 2.99 -28.30
CA PHE B 33 -3.21 2.85 -26.99
C PHE B 33 -2.94 4.04 -26.07
N MET B 34 -1.66 4.30 -25.80
CA MET B 34 -1.28 5.40 -24.93
C MET B 34 -1.76 6.73 -25.52
N ARG B 35 -1.75 6.79 -26.85
CA ARG B 35 -2.18 7.97 -27.59
C ARG B 35 -3.65 8.32 -27.32
N ASN B 36 -4.50 7.29 -27.27
CA ASN B 36 -5.92 7.49 -27.02
C ASN B 36 -6.16 7.77 -25.54
N PHE B 37 -5.29 7.22 -24.69
CA PHE B 37 -5.41 7.42 -23.25
C PHE B 37 -5.27 8.92 -22.99
N GLN B 38 -4.46 9.59 -23.80
CA GLN B 38 -4.24 11.02 -23.67
C GLN B 38 -5.48 11.79 -24.09
N LYS B 39 -6.13 11.33 -25.17
CA LYS B 39 -7.35 11.97 -25.65
C LYS B 39 -8.51 11.66 -24.71
N GLY B 40 -8.18 11.20 -23.51
CA GLY B 40 -9.20 10.86 -22.54
C GLY B 40 -10.04 9.70 -23.02
N GLN B 41 -9.49 8.89 -23.92
CA GLN B 41 -10.20 7.73 -24.45
C GLN B 41 -9.61 6.42 -23.93
N VAL B 42 -10.36 5.77 -23.04
CA VAL B 42 -9.95 4.50 -22.45
C VAL B 42 -11.13 3.89 -21.71
N THR B 43 -11.39 2.61 -21.94
CA THR B 43 -12.49 1.92 -21.28
C THR B 43 -12.05 1.26 -19.99
N ARG B 44 -13.01 0.77 -19.22
CA ARG B 44 -12.69 0.10 -17.97
C ARG B 44 -11.86 -1.15 -18.26
N ASP B 45 -12.19 -1.84 -19.34
CA ASP B 45 -11.46 -3.04 -19.73
C ASP B 45 -10.04 -2.72 -20.18
N GLY B 46 -9.90 -1.63 -20.91
CA GLY B 46 -8.59 -1.22 -21.37
C GLY B 46 -7.75 -0.78 -20.18
N PHE B 47 -8.38 -0.07 -19.26
CA PHE B 47 -7.69 0.41 -18.07
C PHE B 47 -7.30 -0.77 -17.18
N LYS B 48 -8.21 -1.73 -17.06
CA LYS B 48 -7.96 -2.91 -16.25
C LYS B 48 -6.74 -3.66 -16.76
N LEU B 49 -6.58 -3.70 -18.09
CA LEU B 49 -5.44 -4.38 -18.69
C LEU B 49 -4.14 -3.64 -18.35
N VAL B 50 -4.18 -2.31 -18.37
CA VAL B 50 -3.01 -1.51 -18.02
C VAL B 50 -2.61 -1.76 -16.57
N MET B 51 -3.58 -1.70 -15.66
CA MET B 51 -3.28 -1.93 -14.26
C MET B 51 -2.71 -3.32 -14.02
N ALA B 52 -3.26 -4.31 -14.74
CA ALA B 52 -2.80 -5.69 -14.64
C ALA B 52 -1.33 -5.77 -15.05
N SER B 53 -1.00 -5.11 -16.16
CA SER B 53 0.37 -5.08 -16.67
C SER B 53 1.32 -4.44 -15.64
N LEU B 54 0.93 -3.29 -15.10
CA LEU B 54 1.77 -2.63 -14.11
C LEU B 54 1.99 -3.55 -12.88
N TYR B 55 0.94 -4.20 -12.39
CA TYR B 55 1.12 -5.08 -11.23
C TYR B 55 2.26 -6.07 -11.51
N HIS B 56 2.19 -6.77 -12.64
CA HIS B 56 3.22 -7.75 -12.99
C HIS B 56 4.62 -7.15 -13.12
N ILE B 57 4.73 -6.04 -13.84
CA ILE B 57 6.01 -5.41 -14.01
C ILE B 57 6.57 -4.94 -12.69
N TYR B 58 5.77 -4.26 -11.86
CA TYR B 58 6.30 -3.81 -10.58
C TYR B 58 6.61 -4.97 -9.62
N VAL B 59 5.88 -6.08 -9.69
CA VAL B 59 6.19 -7.21 -8.82
C VAL B 59 7.60 -7.70 -9.17
N ALA B 60 7.86 -7.87 -10.46
CA ALA B 60 9.14 -8.34 -10.94
C ALA B 60 10.27 -7.35 -10.64
N LEU B 61 10.06 -6.07 -10.98
CA LEU B 61 11.08 -5.06 -10.73
C LEU B 61 11.39 -4.94 -9.25
N GLU B 62 10.34 -4.92 -8.44
CA GLU B 62 10.54 -4.76 -7.02
C GLU B 62 11.14 -5.95 -6.31
N GLU B 63 10.87 -7.16 -6.77
CA GLU B 63 11.49 -8.30 -6.13
C GLU B 63 12.96 -8.35 -6.54
N GLU B 64 13.29 -7.83 -7.73
CA GLU B 64 14.69 -7.82 -8.17
C GLU B 64 15.40 -6.68 -7.44
N ILE B 65 14.70 -5.60 -7.17
CA ILE B 65 15.31 -4.50 -6.44
C ILE B 65 15.62 -4.95 -5.00
N GLU B 66 14.77 -5.81 -4.45
CA GLU B 66 15.01 -6.30 -3.09
C GLU B 66 16.19 -7.26 -3.04
N ARG B 67 16.39 -8.00 -4.11
CA ARG B 67 17.49 -8.95 -4.23
C ARG B 67 18.84 -8.23 -4.24
N ASN B 68 18.94 -7.16 -5.02
CA ASN B 68 20.19 -6.41 -5.13
C ASN B 68 20.21 -5.05 -4.43
N LYS B 69 19.44 -4.88 -3.37
CA LYS B 69 19.43 -3.57 -2.70
C LYS B 69 20.74 -3.24 -1.99
N GLU B 70 21.44 -4.29 -1.55
CA GLU B 70 22.71 -4.15 -0.84
C GLU B 70 23.91 -3.83 -1.74
N SER B 71 23.84 -4.22 -3.01
CA SER B 71 24.92 -3.99 -3.94
C SER B 71 25.17 -2.53 -4.27
N PRO B 72 26.43 -2.18 -4.54
CA PRO B 72 26.84 -0.81 -4.88
C PRO B 72 26.25 -0.35 -6.20
N VAL B 73 25.76 -1.30 -7.01
CA VAL B 73 25.18 -0.95 -8.30
C VAL B 73 23.75 -0.42 -8.21
N PHE B 74 23.11 -0.61 -7.06
CA PHE B 74 21.75 -0.13 -6.89
C PHE B 74 21.46 0.61 -5.57
N ALA B 75 22.14 0.22 -4.49
CA ALA B 75 21.94 0.85 -3.19
C ALA B 75 21.79 2.38 -3.23
N PRO B 76 22.71 3.08 -3.93
CA PRO B 76 22.58 4.54 -3.98
C PRO B 76 21.20 5.05 -4.39
N VAL B 77 20.51 4.28 -5.23
CA VAL B 77 19.18 4.70 -5.69
C VAL B 77 18.04 3.90 -5.07
N TYR B 78 18.33 3.22 -3.97
CA TYR B 78 17.34 2.42 -3.27
C TYR B 78 16.44 3.32 -2.40
N PHE B 79 15.20 3.54 -2.84
CA PHE B 79 14.22 4.36 -2.11
C PHE B 79 12.91 3.57 -1.96
N PRO B 80 12.94 2.49 -1.17
CA PRO B 80 11.77 1.64 -0.94
C PRO B 80 10.48 2.34 -0.53
N GLU B 81 10.49 3.08 0.57
CA GLU B 81 9.30 3.76 1.03
C GLU B 81 8.74 4.80 0.06
N GLU B 82 9.62 5.63 -0.51
CA GLU B 82 9.18 6.68 -1.44
C GLU B 82 8.60 6.15 -2.74
N LEU B 83 9.12 5.04 -3.25
CA LEU B 83 8.67 4.54 -4.55
C LEU B 83 7.92 3.22 -4.72
N HIS B 84 7.91 2.32 -3.74
CA HIS B 84 7.23 1.05 -3.98
C HIS B 84 5.78 1.19 -4.49
N ARG B 85 5.41 0.38 -5.48
CA ARG B 85 4.08 0.41 -6.09
C ARG B 85 3.30 -0.90 -5.95
N LYS B 86 3.98 -2.00 -5.64
CA LYS B 86 3.29 -3.28 -5.52
C LYS B 86 2.02 -3.21 -4.67
N ALA B 87 2.15 -2.75 -3.43
CA ALA B 87 0.98 -2.66 -2.54
C ALA B 87 -0.11 -1.75 -3.08
N ALA B 88 0.24 -0.63 -3.71
CA ALA B 88 -0.79 0.26 -4.24
C ALA B 88 -1.56 -0.44 -5.36
N LEU B 89 -0.85 -1.25 -6.15
CA LEU B 89 -1.50 -1.97 -7.25
C LEU B 89 -2.36 -3.15 -6.76
N GLU B 90 -1.96 -3.78 -5.65
CA GLU B 90 -2.75 -4.88 -5.11
C GLU B 90 -4.10 -4.29 -4.66
N GLN B 91 -4.05 -3.11 -4.04
CA GLN B 91 -5.24 -2.42 -3.60
C GLN B 91 -6.18 -2.13 -4.78
N ASP B 92 -5.64 -1.54 -5.85
CA ASP B 92 -6.45 -1.21 -7.03
C ASP B 92 -6.99 -2.44 -7.77
N LEU B 93 -6.18 -3.48 -7.89
CA LEU B 93 -6.64 -4.67 -8.57
C LEU B 93 -7.76 -5.34 -7.79
N ALA B 94 -7.76 -5.17 -6.47
CA ALA B 94 -8.79 -5.78 -5.63
C ALA B 94 -10.10 -5.08 -5.94
N PHE B 95 -10.00 -3.80 -6.31
CA PHE B 95 -11.19 -3.03 -6.64
C PHE B 95 -11.69 -3.37 -8.04
N TRP B 96 -10.78 -3.28 -9.01
CA TRP B 96 -11.13 -3.55 -10.40
C TRP B 96 -11.51 -4.98 -10.77
N TYR B 97 -10.91 -5.96 -10.09
CA TYR B 97 -11.19 -7.37 -10.39
C TYR B 97 -11.87 -8.12 -9.24
N GLY B 98 -11.83 -7.58 -8.04
CA GLY B 98 -12.47 -8.26 -6.92
C GLY B 98 -11.52 -8.95 -5.98
N PRO B 99 -12.06 -9.66 -4.97
CA PRO B 99 -11.28 -10.39 -3.96
C PRO B 99 -10.37 -11.44 -4.55
N ARG B 100 -10.82 -12.05 -5.66
CA ARG B 100 -10.07 -13.10 -6.33
C ARG B 100 -9.26 -12.59 -7.52
N TRP B 101 -8.97 -11.29 -7.54
CA TRP B 101 -8.21 -10.69 -8.63
C TRP B 101 -6.95 -11.49 -8.95
N GLN B 102 -6.22 -11.85 -7.90
CA GLN B 102 -4.98 -12.60 -8.02
C GLN B 102 -5.20 -13.86 -8.90
N GLU B 103 -6.34 -14.52 -8.72
CA GLU B 103 -6.66 -15.72 -9.49
C GLU B 103 -7.22 -15.45 -10.88
N VAL B 104 -7.49 -14.20 -11.25
CA VAL B 104 -8.08 -13.96 -12.57
C VAL B 104 -7.54 -12.85 -13.46
N ILE B 105 -6.57 -12.07 -12.98
CA ILE B 105 -6.02 -11.02 -13.84
C ILE B 105 -5.29 -11.70 -14.98
N PRO B 106 -5.23 -11.05 -16.16
CA PRO B 106 -4.54 -11.63 -17.31
C PRO B 106 -3.01 -11.50 -17.17
N TYR B 107 -2.29 -12.38 -17.86
CA TYR B 107 -0.83 -12.38 -17.89
C TYR B 107 -0.53 -12.75 -19.33
N THR B 108 -0.33 -11.73 -20.15
CA THR B 108 -0.11 -11.90 -21.57
C THR B 108 1.35 -11.97 -21.98
N PRO B 109 1.62 -12.32 -23.25
CA PRO B 109 2.99 -12.41 -23.77
C PRO B 109 3.78 -11.11 -23.61
N ALA B 110 3.16 -9.98 -23.91
CA ALA B 110 3.84 -8.69 -23.76
C ALA B 110 4.17 -8.42 -22.29
N MET B 111 3.29 -8.85 -21.40
CA MET B 111 3.54 -8.66 -19.97
C MET B 111 4.70 -9.56 -19.56
N GLN B 112 4.70 -10.78 -20.06
CA GLN B 112 5.74 -11.75 -19.75
C GLN B 112 7.13 -11.38 -20.28
N ARG B 113 7.22 -10.89 -21.50
CA ARG B 113 8.52 -10.50 -22.03
C ARG B 113 9.14 -9.43 -21.12
N TYR B 114 8.32 -8.51 -20.64
CA TYR B 114 8.77 -7.41 -19.76
C TYR B 114 9.26 -8.01 -18.43
N VAL B 115 8.42 -8.85 -17.82
CA VAL B 115 8.78 -9.49 -16.57
C VAL B 115 10.07 -10.29 -16.70
N LYS B 116 10.21 -10.99 -17.83
CA LYS B 116 11.38 -11.82 -18.13
C LYS B 116 12.68 -11.04 -18.10
N ARG B 117 12.71 -9.94 -18.83
CA ARG B 117 13.92 -9.12 -18.87
C ARG B 117 14.28 -8.60 -17.47
N LEU B 118 13.28 -8.18 -16.71
CA LEU B 118 13.52 -7.69 -15.35
C LEU B 118 14.26 -8.70 -14.47
N HIS B 119 13.81 -9.96 -14.46
CA HIS B 119 14.45 -10.99 -13.66
C HIS B 119 15.83 -11.33 -14.24
N GLU B 120 15.94 -11.25 -15.56
CA GLU B 120 17.20 -11.52 -16.27
C GLU B 120 18.25 -10.51 -15.78
N VAL B 121 17.91 -9.24 -15.86
CA VAL B 121 18.79 -8.17 -15.42
C VAL B 121 19.09 -8.32 -13.93
N GLY B 122 18.05 -8.59 -13.15
CA GLY B 122 18.22 -8.74 -11.72
C GLY B 122 19.11 -9.91 -11.35
N ARG B 123 19.02 -10.99 -12.12
CA ARG B 123 19.83 -12.18 -11.82
C ARG B 123 21.22 -12.24 -12.45
N THR B 124 21.41 -11.64 -13.63
CA THR B 124 22.72 -11.69 -14.26
C THR B 124 23.45 -10.36 -14.47
N GLU B 125 22.71 -9.27 -14.60
CA GLU B 125 23.37 -7.98 -14.77
C GLU B 125 22.63 -6.87 -14.02
N PRO B 126 22.45 -7.07 -12.70
CA PRO B 126 21.76 -6.13 -11.79
C PRO B 126 22.31 -4.73 -11.87
N GLU B 127 23.48 -4.60 -12.48
CA GLU B 127 24.08 -3.28 -12.63
C GLU B 127 23.26 -2.50 -13.64
N LEU B 128 22.31 -3.17 -14.26
CA LEU B 128 21.45 -2.51 -15.25
C LEU B 128 20.08 -2.16 -14.67
N LEU B 129 19.75 -2.72 -13.52
CA LEU B 129 18.45 -2.48 -12.89
C LEU B 129 18.12 -0.98 -12.78
N VAL B 130 19.14 -0.18 -12.50
CA VAL B 130 18.96 1.26 -12.38
C VAL B 130 18.23 1.83 -13.61
N ALA B 131 18.49 1.25 -14.79
CA ALA B 131 17.87 1.70 -16.02
C ALA B 131 16.36 1.44 -16.02
N HIS B 132 15.96 0.32 -15.40
CA HIS B 132 14.55 -0.03 -15.31
C HIS B 132 13.84 0.71 -14.18
N ALA B 133 14.53 0.91 -13.06
CA ALA B 133 13.93 1.64 -11.94
C ALA B 133 13.67 3.08 -12.37
N TYR B 134 14.65 3.65 -13.07
CA TYR B 134 14.57 5.03 -13.57
C TYR B 134 13.38 5.16 -14.50
N THR B 135 13.37 4.37 -15.56
CA THR B 135 12.30 4.41 -16.55
C THR B 135 10.90 4.31 -15.96
N ARG B 136 10.68 3.31 -15.10
CA ARG B 136 9.38 3.10 -14.46
C ARG B 136 9.00 4.14 -13.42
N TYR B 137 9.81 4.26 -12.37
CA TYR B 137 9.51 5.20 -11.29
C TYR B 137 9.40 6.67 -11.68
N LEU B 138 10.47 7.24 -12.20
CA LEU B 138 10.42 8.65 -12.55
C LEU B 138 9.35 8.86 -13.61
N GLY B 139 9.19 7.89 -14.51
CA GLY B 139 8.18 7.99 -15.54
C GLY B 139 6.76 7.97 -14.98
N ASP B 140 6.47 7.03 -14.09
CA ASP B 140 5.14 6.92 -13.50
C ASP B 140 4.82 8.05 -12.54
N LEU B 141 5.85 8.52 -11.84
CA LEU B 141 5.69 9.62 -10.90
C LEU B 141 5.44 10.91 -11.68
N SER B 142 6.23 11.13 -12.73
CA SER B 142 6.12 12.32 -13.56
C SER B 142 4.76 12.51 -14.24
N GLY B 143 4.19 11.43 -14.77
CA GLY B 143 2.91 11.56 -15.45
C GLY B 143 1.71 11.14 -14.63
N GLY B 144 1.97 10.41 -13.54
CA GLY B 144 0.90 9.93 -12.69
C GLY B 144 -0.26 10.86 -12.41
N GLN B 145 0.03 12.14 -12.20
CA GLN B 145 -1.02 13.11 -11.88
C GLN B 145 -1.97 13.45 -13.03
N VAL B 146 -1.41 13.72 -14.21
CA VAL B 146 -2.25 14.05 -15.36
C VAL B 146 -3.03 12.84 -15.84
N LEU B 147 -2.41 11.66 -15.78
CA LEU B 147 -3.10 10.44 -16.20
C LEU B 147 -4.25 10.12 -15.25
N LYS B 148 -4.08 10.48 -13.98
CA LYS B 148 -5.10 10.24 -12.98
C LYS B 148 -6.35 11.08 -13.23
N LYS B 149 -6.18 12.38 -13.53
CA LYS B 149 -7.33 13.23 -13.80
C LYS B 149 -8.09 12.71 -15.03
N ILE B 150 -7.34 12.17 -15.99
CA ILE B 150 -7.93 11.63 -17.21
C ILE B 150 -8.72 10.38 -16.86
N ALA B 151 -8.09 9.51 -16.06
CA ALA B 151 -8.73 8.27 -15.64
C ALA B 151 -10.07 8.58 -15.00
N GLN B 152 -10.05 9.50 -14.04
CA GLN B 152 -11.25 9.93 -13.31
C GLN B 152 -12.37 10.38 -14.24
N LYS B 153 -12.01 11.27 -15.16
CA LYS B 153 -12.97 11.82 -16.10
C LYS B 153 -13.56 10.78 -17.02
N ALA B 154 -12.73 9.86 -17.49
CA ALA B 154 -13.18 8.82 -18.42
C ALA B 154 -13.83 7.57 -17.83
N LEU B 155 -13.36 7.12 -16.67
CA LEU B 155 -13.89 5.91 -16.04
C LEU B 155 -15.16 6.03 -15.19
N ASP B 156 -15.51 7.25 -14.77
CA ASP B 156 -16.72 7.45 -13.96
C ASP B 156 -16.78 6.44 -12.83
N LEU B 157 -15.81 6.50 -11.93
CA LEU B 157 -15.73 5.58 -10.80
C LEU B 157 -16.80 5.83 -9.75
N PRO B 158 -17.21 4.76 -9.05
CA PRO B 158 -18.23 4.97 -8.01
C PRO B 158 -17.50 5.73 -6.90
N SER B 159 -18.26 6.39 -6.03
CA SER B 159 -17.63 7.14 -4.95
C SER B 159 -17.17 6.22 -3.82
N SER B 160 -16.43 5.16 -4.13
CA SER B 160 -16.00 4.25 -3.06
C SER B 160 -14.53 4.36 -2.65
N GLY B 161 -13.92 5.49 -3.02
CA GLY B 161 -12.55 5.79 -2.65
C GLY B 161 -11.40 4.84 -2.97
N GLU B 162 -11.47 4.09 -4.05
CA GLU B 162 -10.38 3.19 -4.37
C GLU B 162 -10.28 2.88 -5.83
N GLY B 163 -9.15 2.29 -6.22
CA GLY B 163 -8.95 1.93 -7.61
C GLY B 163 -7.93 2.74 -8.38
N LEU B 164 -7.40 3.82 -7.78
CA LEU B 164 -6.39 4.65 -8.45
C LEU B 164 -5.22 4.96 -7.53
N ALA B 165 -5.04 4.15 -6.49
CA ALA B 165 -3.96 4.40 -5.57
C ALA B 165 -2.60 4.41 -6.28
N PHE B 166 -2.48 3.67 -7.37
CA PHE B 166 -1.23 3.62 -8.10
C PHE B 166 -0.73 5.02 -8.52
N PHE B 167 -1.67 5.90 -8.88
CA PHE B 167 -1.33 7.25 -9.34
C PHE B 167 -0.88 8.27 -8.30
N THR B 168 -0.78 7.83 -7.05
CA THR B 168 -0.33 8.69 -5.97
C THR B 168 0.79 8.02 -5.18
N PHE B 169 1.95 8.67 -5.11
CA PHE B 169 3.10 8.18 -4.32
C PHE B 169 2.97 9.00 -3.05
N PRO B 170 2.29 8.46 -2.02
CA PRO B 170 2.07 9.16 -0.74
C PRO B 170 3.30 9.57 0.06
N ASN B 171 4.39 8.82 -0.07
CA ASN B 171 5.59 9.14 0.69
C ASN B 171 6.54 10.12 0.01
N ILE B 172 6.03 10.83 -0.99
CA ILE B 172 6.81 11.84 -1.72
C ILE B 172 5.97 13.11 -1.70
N ALA B 173 6.39 14.07 -0.89
CA ALA B 173 5.67 15.34 -0.79
C ALA B 173 5.80 16.08 -2.11
N SER B 174 7.02 16.23 -2.59
CA SER B 174 7.26 16.93 -3.86
C SER B 174 7.94 16.07 -4.90
N ALA B 175 7.26 15.85 -6.02
CA ALA B 175 7.79 15.06 -7.10
C ALA B 175 9.05 15.73 -7.63
N THR B 176 9.03 17.07 -7.65
CA THR B 176 10.18 17.83 -8.12
C THR B 176 11.41 17.62 -7.24
N LYS B 177 11.24 17.87 -5.95
CA LYS B 177 12.34 17.71 -5.00
C LYS B 177 12.89 16.29 -4.91
N PHE B 178 12.03 15.28 -5.08
CA PHE B 178 12.50 13.88 -5.02
C PHE B 178 13.27 13.51 -6.28
N LYS B 179 12.77 13.93 -7.43
CA LYS B 179 13.44 13.64 -8.68
C LYS B 179 14.87 14.21 -8.65
N GLN B 180 15.06 15.34 -7.97
CA GLN B 180 16.39 15.93 -7.88
C GLN B 180 17.33 15.01 -7.11
N LEU B 181 16.92 14.59 -5.92
CA LEU B 181 17.75 13.71 -5.10
C LEU B 181 18.04 12.40 -5.85
N TYR B 182 17.03 11.87 -6.54
CA TYR B 182 17.20 10.62 -7.29
C TYR B 182 18.25 10.75 -8.40
N ARG B 183 18.17 11.82 -9.18
CA ARG B 183 19.14 12.03 -10.26
C ARG B 183 20.52 12.15 -9.65
N SER B 184 20.60 12.82 -8.51
CA SER B 184 21.84 13.01 -7.79
C SER B 184 22.38 11.66 -7.36
N ARG B 185 21.51 10.83 -6.79
CA ARG B 185 21.91 9.50 -6.35
C ARG B 185 22.36 8.67 -7.56
N MET B 186 21.74 8.92 -8.71
CA MET B 186 22.07 8.19 -9.94
C MET B 186 23.47 8.52 -10.45
N ASN B 187 23.84 9.79 -10.35
CA ASN B 187 25.15 10.21 -10.81
C ASN B 187 26.27 9.82 -9.87
N SER B 188 25.93 9.49 -8.62
CA SER B 188 26.94 9.09 -7.66
C SER B 188 27.24 7.63 -7.92
N LEU B 189 26.48 7.03 -8.83
CA LEU B 189 26.67 5.62 -9.15
C LEU B 189 28.00 5.39 -9.86
N GLU B 190 28.78 4.44 -9.34
CA GLU B 190 30.08 4.10 -9.90
C GLU B 190 29.97 2.99 -10.94
N MET B 191 30.55 3.19 -12.11
CA MET B 191 30.51 2.17 -13.15
C MET B 191 31.50 2.40 -14.29
N THR B 192 32.01 1.29 -14.84
CA THR B 192 32.95 1.35 -15.95
C THR B 192 32.24 1.85 -17.20
N PRO B 193 33.00 2.35 -18.19
CA PRO B 193 32.40 2.85 -19.42
C PRO B 193 31.53 1.79 -20.09
N ALA B 194 31.98 0.55 -20.03
CA ALA B 194 31.26 -0.56 -20.62
C ALA B 194 29.86 -0.64 -20.01
N VAL B 195 29.82 -0.79 -18.68
CA VAL B 195 28.57 -0.88 -17.95
C VAL B 195 27.70 0.35 -18.19
N ARG B 196 28.29 1.54 -18.13
CA ARG B 196 27.51 2.74 -18.35
C ARG B 196 26.85 2.70 -19.74
N GLN B 197 27.55 2.13 -20.71
CA GLN B 197 26.96 2.07 -22.05
C GLN B 197 25.78 1.11 -22.07
N ARG B 198 25.92 -0.02 -21.37
CA ARG B 198 24.82 -0.97 -21.32
C ARG B 198 23.62 -0.39 -20.58
N VAL B 199 23.86 0.38 -19.52
CA VAL B 199 22.77 0.99 -18.78
C VAL B 199 21.97 1.92 -19.68
N ILE B 200 22.67 2.72 -20.49
CA ILE B 200 22.02 3.62 -21.42
C ILE B 200 21.18 2.79 -22.37
N GLU B 201 21.74 1.67 -22.80
CA GLU B 201 21.03 0.78 -23.71
C GLU B 201 19.80 0.13 -23.10
N GLU B 202 19.92 -0.33 -21.86
CA GLU B 202 18.82 -0.97 -21.18
C GLU B 202 17.63 -0.01 -21.03
N ALA B 203 17.92 1.28 -20.88
CA ALA B 203 16.85 2.26 -20.75
C ALA B 203 16.01 2.28 -22.02
N LYS B 204 16.66 2.17 -23.18
CA LYS B 204 15.96 2.11 -24.47
C LYS B 204 15.16 0.81 -24.54
N THR B 205 15.81 -0.29 -24.18
CA THR B 205 15.16 -1.60 -24.17
C THR B 205 13.88 -1.49 -23.34
N ALA B 206 14.01 -0.87 -22.17
CA ALA B 206 12.89 -0.66 -21.26
C ALA B 206 11.73 0.05 -21.95
N PHE B 207 12.01 1.13 -22.68
CA PHE B 207 10.97 1.87 -23.38
C PHE B 207 10.27 0.98 -24.42
N LEU B 208 11.07 0.24 -25.20
CA LEU B 208 10.52 -0.63 -26.22
C LEU B 208 9.64 -1.72 -25.62
N LEU B 209 10.01 -2.20 -24.44
CA LEU B 209 9.21 -3.25 -23.79
C LEU B 209 7.84 -2.65 -23.50
N ASN B 210 7.82 -1.34 -23.24
CA ASN B 210 6.57 -0.65 -22.96
C ASN B 210 5.78 -0.48 -24.24
N ILE B 211 6.46 -0.02 -25.29
CA ILE B 211 5.84 0.14 -26.60
C ILE B 211 5.22 -1.18 -27.03
N GLN B 212 6.00 -2.25 -26.93
CA GLN B 212 5.53 -3.59 -27.29
C GLN B 212 4.27 -3.95 -26.51
N LEU B 213 4.21 -3.53 -25.25
CA LEU B 213 3.05 -3.81 -24.41
C LEU B 213 1.83 -3.00 -24.86
N PHE B 214 2.04 -1.75 -25.25
CA PHE B 214 0.90 -0.95 -25.71
C PHE B 214 0.32 -1.49 -27.00
N GLU B 215 1.19 -1.87 -27.92
CA GLU B 215 0.72 -2.41 -29.18
C GLU B 215 -0.09 -3.67 -28.86
N GLU B 216 0.44 -4.56 -28.04
CA GLU B 216 -0.30 -5.77 -27.68
C GLU B 216 -1.67 -5.46 -27.05
N LEU B 217 -1.70 -4.51 -26.11
CA LEU B 217 -2.95 -4.17 -25.45
C LEU B 217 -4.00 -3.65 -26.44
N GLN B 218 -3.56 -2.85 -27.41
CA GLN B 218 -4.46 -2.31 -28.42
C GLN B 218 -5.05 -3.42 -29.27
N GLU B 219 -4.23 -4.43 -29.58
CA GLU B 219 -4.69 -5.54 -30.40
C GLU B 219 -5.68 -6.43 -29.67
N LEU B 220 -5.68 -6.37 -28.34
CA LEU B 220 -6.60 -7.20 -27.56
C LEU B 220 -7.95 -6.51 -27.43
N LEU B 221 -7.93 -5.19 -27.53
CA LEU B 221 -9.14 -4.39 -27.39
C LEU B 221 -9.85 -4.13 -28.72
N THR B 222 -9.14 -4.28 -29.83
CA THR B 222 -9.77 -4.02 -31.11
C THR B 222 -9.81 -5.19 -32.10
N HIS B 223 -9.01 -6.22 -31.86
CA HIS B 223 -8.96 -7.41 -32.72
C HIS B 223 -8.96 -7.06 -34.22
#